data_7EAF
#
_entry.id   7EAF
#
_cell.length_a   61.460
_cell.length_b   61.460
_cell.length_c   157.910
_cell.angle_alpha   90.000
_cell.angle_beta   90.000
_cell.angle_gamma   90.000
#
_symmetry.space_group_name_H-M   'P 43 21 2'
#
loop_
_entity.id
_entity.type
_entity.pdbx_description
1 polymer 'RNA (94-MER)'
2 non-polymer S-ADENOSYLMETHIONINE
3 non-polymer 'BARIUM ION'
4 non-polymer 'SODIUM ION'
5 water water
#
_entity_poly.entity_id   1
_entity_poly.type   'polyribonucleotide'
_entity_poly.pdbx_seq_one_letter_code
;GGCUUAUCAAGAGAGGGCGAGGGACUGGCCCGACGACCCCCGGCAACCAGAAAUGGUGCCAAUUCCUGCAGCGGAAACGU
UGAAAGAUGAGCCG
;
_entity_poly.pdbx_strand_id   A
#